data_7A8T
#
_entry.id   7A8T
#
_cell.length_a   103.440
_cell.length_b   103.440
_cell.length_c   218.143
_cell.angle_alpha   90.000
_cell.angle_beta   90.000
_cell.angle_gamma   120.000
#
_symmetry.space_group_name_H-M   'P 31 2 1'
#
loop_
_entity.id
_entity.type
_entity.pdbx_description
1 polymer Alpha-actinin-2
2 polymer Myozenin-1
#
loop_
_entity_poly.entity_id
_entity_poly.type
_entity_poly.pdbx_seq_one_letter_code
_entity_poly.pdbx_strand_id
1 'polypeptide(L)'
;GSSAVNQENERLMEEYERLASELLEWIRRTIPWLENRTPEKTMQAMQKKLEDFRDYRRKHKPPKVQEKCQLEINFNTLQT
KLRISNRPAFMPSEGKMVSDIAGAWQRLEQAEKGYEEWLLNEIRRLERLEHLAEKFRQKASTHETWAYGKEQILLQKDYE
SASLTEVRALLRKHEAFESDLAAHQDRVEQIAAIAQELNELDYHDAVNVNDRCQKICDQWDRLGTLTQKRREALERMEKL
LETIDQLHLEFAKRAAPFNNWMEGAMEDLQDMFIVHSIEEIQSLITAHEQFKATLPEADGERQSIMAIQNEVEKVIQSYN
IRISSSNPYSTVTMDELRTKWDKVKQLVPIRDQSLQEELARQHANERLRRQFAAQANAIGPWIQNKMEEIARSSIQITGA
LEDQMNQLKQYEHNIINYKNNIDKLEGDHQLIQEALVFDNKHTNYTMEHIRVGWELLLTTIARTINEVETQILTRD
;
A
2 'polypeptide(L)'
;GPAMKHITVFKTYISPWERAMGVDPQQKMELGIDLLAYGAKAELPKYKSFNRTAMPYGGYEKASKRMTFQMPKFDLGPLL
SEPLVLYNQNLS
;
B
#
# COMPACT_ATOMS: atom_id res chain seq x y z
N SER A 3 -114.70 -25.91 26.91
CA SER A 3 -113.78 -24.84 26.55
C SER A 3 -112.33 -25.37 26.47
N ALA A 4 -112.11 -26.42 25.63
CA ALA A 4 -110.82 -27.05 25.37
C ALA A 4 -109.96 -26.20 24.41
N VAL A 5 -110.61 -25.53 23.44
CA VAL A 5 -110.00 -24.65 22.43
C VAL A 5 -109.80 -23.22 23.02
N ASN A 6 -110.63 -22.82 24.02
CA ASN A 6 -110.55 -21.52 24.69
C ASN A 6 -109.32 -21.45 25.63
N GLN A 7 -108.86 -22.62 26.13
CA GLN A 7 -107.70 -22.75 27.03
C GLN A 7 -106.36 -22.89 26.28
N GLU A 8 -106.33 -23.62 25.12
CA GLU A 8 -105.12 -23.83 24.29
C GLU A 8 -105.03 -22.79 23.14
N ASN A 9 -105.73 -21.64 23.30
CA ASN A 9 -105.79 -20.51 22.36
C ASN A 9 -104.60 -19.59 22.61
N GLU A 10 -104.72 -18.68 23.62
CA GLU A 10 -103.69 -17.70 24.04
C GLU A 10 -102.48 -18.42 24.69
N ARG A 11 -102.59 -19.74 24.94
CA ARG A 11 -101.55 -20.63 25.49
C ARG A 11 -100.45 -20.81 24.43
N LEU A 12 -100.85 -21.27 23.23
CA LEU A 12 -99.96 -21.50 22.08
C LEU A 12 -99.70 -20.21 21.30
N MET A 13 -100.56 -19.18 21.48
CA MET A 13 -100.39 -17.86 20.87
C MET A 13 -99.29 -17.06 21.56
N GLU A 14 -99.21 -17.17 22.90
CA GLU A 14 -98.18 -16.51 23.70
C GLU A 14 -96.89 -17.34 23.73
N GLU A 15 -96.96 -18.61 23.25
CA GLU A 15 -95.81 -19.52 23.11
C GLU A 15 -94.90 -18.95 22.03
N TYR A 16 -95.49 -18.60 20.87
CA TYR A 16 -94.84 -17.97 19.71
C TYR A 16 -94.31 -16.61 20.12
N GLU A 17 -95.07 -15.84 20.93
CA GLU A 17 -94.67 -14.51 21.42
C GLU A 17 -93.46 -14.61 22.34
N ARG A 18 -93.37 -15.70 23.12
CA ARG A 18 -92.27 -15.99 24.04
C ARG A 18 -91.03 -16.44 23.24
N LEU A 19 -91.20 -17.47 22.38
CA LEU A 19 -90.15 -18.07 21.56
C LEU A 19 -89.57 -17.07 20.55
N ALA A 20 -90.41 -16.26 19.89
CA ALA A 20 -89.96 -15.26 18.91
C ALA A 20 -89.10 -14.17 19.57
N SER A 21 -89.38 -13.84 20.85
CA SER A 21 -88.60 -12.81 21.57
C SER A 21 -87.23 -13.34 21.95
N GLU A 22 -87.17 -14.57 22.52
CA GLU A 22 -85.94 -15.26 22.92
C GLU A 22 -84.95 -15.41 21.76
N LEU A 23 -85.46 -15.69 20.54
CA LEU A 23 -84.68 -15.87 19.33
C LEU A 23 -84.22 -14.52 18.75
N LEU A 24 -85.16 -13.54 18.55
CA LEU A 24 -84.82 -12.23 17.99
C LEU A 24 -83.91 -11.44 18.90
N GLU A 25 -83.84 -11.81 20.20
CA GLU A 25 -82.93 -11.18 21.17
C GLU A 25 -81.52 -11.70 20.94
N TRP A 26 -81.39 -13.03 20.75
CA TRP A 26 -80.12 -13.70 20.49
C TRP A 26 -79.56 -13.25 19.15
N ILE A 27 -80.42 -13.09 18.14
CA ILE A 27 -80.03 -12.67 16.78
C ILE A 27 -79.54 -11.21 16.82
N ARG A 28 -80.22 -10.33 17.60
CA ARG A 28 -79.88 -8.89 17.72
C ARG A 28 -78.49 -8.63 18.30
N ARG A 29 -78.03 -9.49 19.24
CA ARG A 29 -76.72 -9.30 19.85
C ARG A 29 -75.60 -10.09 19.15
N THR A 30 -75.88 -11.27 18.54
CA THR A 30 -74.78 -12.01 17.90
C THR A 30 -74.52 -11.49 16.46
N ILE A 31 -75.38 -10.62 15.87
CA ILE A 31 -75.11 -10.09 14.53
C ILE A 31 -73.92 -9.08 14.58
N PRO A 32 -73.88 -8.04 15.48
CA PRO A 32 -72.73 -7.08 15.46
C PRO A 32 -71.35 -7.73 15.62
N TRP A 33 -71.28 -8.78 16.46
CA TRP A 33 -70.09 -9.57 16.74
C TRP A 33 -69.55 -10.23 15.47
N LEU A 34 -70.44 -10.85 14.69
CA LEU A 34 -70.18 -11.56 13.43
C LEU A 34 -69.72 -10.62 12.29
N GLU A 35 -70.30 -9.39 12.19
CA GLU A 35 -69.91 -8.48 11.10
C GLU A 35 -68.77 -7.50 11.50
N ASN A 36 -68.07 -7.79 12.61
CA ASN A 36 -66.89 -7.04 12.99
C ASN A 36 -65.66 -7.74 12.37
N ARG A 37 -65.17 -7.19 11.23
CA ARG A 37 -64.01 -7.70 10.49
C ARG A 37 -62.79 -6.76 10.66
N THR A 38 -62.57 -6.29 11.91
CA THR A 38 -61.42 -5.45 12.25
C THR A 38 -60.39 -6.36 12.94
N PRO A 39 -59.26 -6.68 12.29
CA PRO A 39 -58.29 -7.62 12.90
C PRO A 39 -57.62 -7.09 14.17
N GLU A 40 -57.17 -8.03 15.03
CA GLU A 40 -56.48 -7.75 16.29
C GLU A 40 -54.95 -7.69 16.03
N LYS A 41 -54.18 -7.27 17.06
CA LYS A 41 -52.74 -7.07 16.96
C LYS A 41 -51.94 -8.37 17.07
N THR A 42 -52.37 -9.31 17.93
CA THR A 42 -51.63 -10.54 18.16
C THR A 42 -52.36 -11.76 17.52
N MET A 43 -51.58 -12.76 17.10
CA MET A 43 -52.08 -14.00 16.50
C MET A 43 -52.91 -14.77 17.52
N GLN A 44 -52.42 -14.85 18.79
CA GLN A 44 -53.07 -15.51 19.93
C GLN A 44 -54.52 -15.02 20.12
N ALA A 45 -54.76 -13.70 19.86
CA ALA A 45 -56.06 -13.04 19.95
C ALA A 45 -57.02 -13.55 18.89
N MET A 46 -56.53 -13.69 17.65
CA MET A 46 -57.30 -14.23 16.53
C MET A 46 -57.54 -15.73 16.76
N GLN A 47 -56.60 -16.41 17.44
CA GLN A 47 -56.73 -17.81 17.81
C GLN A 47 -57.86 -18.02 18.86
N LYS A 48 -58.08 -17.02 19.75
CA LYS A 48 -59.15 -17.05 20.77
C LYS A 48 -60.47 -16.78 20.05
N LYS A 49 -60.48 -15.83 19.09
CA LYS A 49 -61.67 -15.49 18.29
C LYS A 49 -62.13 -16.71 17.47
N LEU A 50 -61.18 -17.49 16.93
CA LEU A 50 -61.48 -18.69 16.16
C LEU A 50 -62.16 -19.73 17.02
N GLU A 51 -61.72 -19.92 18.27
CA GLU A 51 -62.34 -20.87 19.19
C GLU A 51 -63.75 -20.43 19.57
N ASP A 52 -63.97 -19.10 19.64
CA ASP A 52 -65.28 -18.51 19.91
C ASP A 52 -66.25 -18.79 18.77
N PHE A 53 -65.77 -18.75 17.52
CA PHE A 53 -66.61 -19.07 16.36
C PHE A 53 -66.83 -20.61 16.30
N ARG A 54 -65.87 -21.41 16.83
CA ARG A 54 -66.03 -22.86 16.91
C ARG A 54 -67.11 -23.16 17.93
N ASP A 55 -67.14 -22.38 19.04
CA ASP A 55 -68.17 -22.52 20.09
C ASP A 55 -69.52 -22.16 19.53
N TYR A 56 -69.60 -21.05 18.78
CA TYR A 56 -70.82 -20.58 18.13
C TYR A 56 -71.36 -21.69 17.22
N ARG A 57 -70.59 -22.06 16.19
CA ARG A 57 -70.96 -23.08 15.22
C ARG A 57 -71.34 -24.40 15.82
N ARG A 58 -70.59 -24.93 16.81
CA ARG A 58 -70.98 -26.28 17.24
C ARG A 58 -71.77 -26.35 18.57
N LYS A 59 -71.86 -25.26 19.36
CA LYS A 59 -72.59 -25.30 20.63
C LYS A 59 -73.78 -24.31 20.70
N HIS A 60 -73.58 -23.02 20.34
CA HIS A 60 -74.58 -21.96 20.46
C HIS A 60 -75.57 -21.82 19.29
N LYS A 61 -75.14 -21.95 18.02
CA LYS A 61 -76.07 -21.82 16.91
C LYS A 61 -76.95 -23.09 16.71
N PRO A 62 -76.44 -24.36 16.86
CA PRO A 62 -77.33 -25.52 16.67
C PRO A 62 -78.65 -25.47 17.48
N PRO A 63 -78.72 -25.04 18.77
CA PRO A 63 -80.03 -24.96 19.44
C PRO A 63 -80.92 -23.84 18.88
N LYS A 64 -80.31 -22.71 18.45
CA LYS A 64 -81.03 -21.56 17.87
C LYS A 64 -81.56 -21.92 16.47
N VAL A 65 -80.87 -22.82 15.76
CA VAL A 65 -81.31 -23.33 14.47
C VAL A 65 -82.59 -24.11 14.70
N GLN A 66 -82.56 -25.03 15.71
CA GLN A 66 -83.71 -25.85 16.11
C GLN A 66 -84.89 -24.97 16.53
N GLU A 67 -84.65 -23.93 17.35
CA GLU A 67 -85.69 -23.00 17.80
C GLU A 67 -86.36 -22.29 16.61
N LYS A 68 -85.56 -21.81 15.63
CA LYS A 68 -86.04 -21.11 14.43
C LYS A 68 -86.93 -22.05 13.58
N CYS A 69 -86.58 -23.34 13.46
CA CYS A 69 -87.45 -24.22 12.67
C CYS A 69 -88.64 -24.73 13.54
N GLN A 70 -88.52 -24.63 14.90
CA GLN A 70 -89.58 -25.01 15.86
C GLN A 70 -90.68 -23.94 15.86
N LEU A 71 -90.25 -22.66 15.78
CA LEU A 71 -91.08 -21.46 15.71
C LEU A 71 -91.96 -21.55 14.45
N GLU A 72 -91.40 -22.07 13.35
CA GLU A 72 -92.07 -22.31 12.09
C GLU A 72 -93.11 -23.43 12.25
N ILE A 73 -92.76 -24.53 12.96
CA ILE A 73 -93.63 -25.67 13.21
C ILE A 73 -94.80 -25.21 14.10
N ASN A 74 -94.50 -24.53 15.22
CA ASN A 74 -95.49 -24.02 16.15
C ASN A 74 -96.50 -23.09 15.44
N PHE A 75 -96.02 -22.23 14.51
CA PHE A 75 -96.85 -21.30 13.74
C PHE A 75 -97.72 -22.05 12.71
N ASN A 76 -97.12 -22.90 11.85
CA ASN A 76 -97.83 -23.65 10.79
C ASN A 76 -98.98 -24.51 11.36
N THR A 77 -98.81 -25.06 12.59
CA THR A 77 -99.80 -25.90 13.29
C THR A 77 -100.86 -25.04 13.98
N LEU A 78 -100.47 -23.86 14.53
CA LEU A 78 -101.39 -22.94 15.19
C LEU A 78 -102.38 -22.33 14.16
N GLN A 79 -101.90 -21.99 12.95
CA GLN A 79 -102.72 -21.41 11.89
C GLN A 79 -103.66 -22.45 11.24
N THR A 80 -103.25 -23.73 11.13
CA THR A 80 -104.14 -24.77 10.55
C THR A 80 -105.14 -25.27 11.63
N LYS A 81 -104.88 -24.97 12.92
CA LYS A 81 -105.79 -25.27 14.03
C LYS A 81 -106.98 -24.29 13.96
N LEU A 82 -106.70 -22.96 13.95
CA LEU A 82 -107.72 -21.89 13.91
C LEU A 82 -108.43 -21.78 12.54
N ARG A 83 -107.89 -22.37 11.45
CA ARG A 83 -108.56 -22.36 10.15
C ARG A 83 -109.58 -23.52 10.10
N ILE A 84 -109.29 -24.64 10.80
CA ILE A 84 -110.18 -25.80 10.89
C ILE A 84 -111.37 -25.44 11.79
N SER A 85 -111.12 -24.79 12.96
CA SER A 85 -112.15 -24.38 13.92
C SER A 85 -112.83 -23.03 13.52
N ASN A 86 -112.62 -22.59 12.25
CA ASN A 86 -113.18 -21.38 11.60
C ASN A 86 -112.93 -20.07 12.40
N ARG A 87 -111.99 -20.11 13.37
CA ARG A 87 -111.59 -18.99 14.23
C ARG A 87 -110.81 -17.94 13.42
N PRO A 88 -110.67 -16.66 13.90
CA PRO A 88 -109.90 -15.68 13.12
C PRO A 88 -108.39 -16.00 13.09
N ALA A 89 -107.67 -15.51 12.05
CA ALA A 89 -106.24 -15.74 11.83
C ALA A 89 -105.37 -14.98 12.86
N PHE A 90 -104.33 -15.67 13.39
CA PHE A 90 -103.41 -15.12 14.39
C PHE A 90 -102.44 -14.11 13.77
N MET A 91 -102.10 -13.07 14.55
CA MET A 91 -101.17 -12.02 14.16
C MET A 91 -100.30 -11.61 15.39
N PRO A 92 -98.94 -11.53 15.23
CA PRO A 92 -98.07 -11.19 16.36
C PRO A 92 -97.77 -9.68 16.51
N SER A 93 -97.22 -9.29 17.68
CA SER A 93 -96.95 -7.92 18.12
C SER A 93 -95.72 -7.22 17.50
N GLU A 94 -96.01 -6.20 16.65
CA GLU A 94 -95.07 -5.29 15.97
C GLU A 94 -93.93 -6.05 15.24
N GLY A 95 -92.67 -5.87 15.69
CA GLY A 95 -91.48 -6.50 15.12
C GLY A 95 -91.23 -7.92 15.59
N LYS A 96 -92.28 -8.77 15.53
CA LYS A 96 -92.28 -10.17 15.95
C LYS A 96 -93.13 -11.05 15.01
N MET A 97 -93.32 -10.60 13.74
CA MET A 97 -94.10 -11.30 12.71
C MET A 97 -93.20 -12.17 11.83
N VAL A 98 -93.82 -13.08 11.05
CA VAL A 98 -93.17 -14.04 10.13
C VAL A 98 -92.03 -13.36 9.33
N SER A 99 -92.35 -12.26 8.62
CA SER A 99 -91.43 -11.49 7.79
C SER A 99 -90.27 -10.89 8.60
N ASP A 100 -90.51 -10.50 9.87
CA ASP A 100 -89.52 -9.88 10.75
C ASP A 100 -88.48 -10.88 11.24
N ILE A 101 -88.90 -12.14 11.47
CA ILE A 101 -88.02 -13.22 11.93
C ILE A 101 -87.09 -13.64 10.78
N ALA A 102 -87.68 -14.01 9.61
CA ALA A 102 -86.97 -14.45 8.42
C ALA A 102 -85.99 -13.41 7.90
N GLY A 103 -86.30 -12.13 8.11
CA GLY A 103 -85.45 -11.01 7.71
C GLY A 103 -84.29 -10.78 8.66
N ALA A 104 -84.48 -11.10 9.95
CA ALA A 104 -83.47 -10.95 10.99
C ALA A 104 -82.46 -12.11 10.90
N TRP A 105 -82.97 -13.34 10.71
CA TRP A 105 -82.17 -14.54 10.53
C TRP A 105 -81.39 -14.42 9.23
N GLN A 106 -81.91 -13.65 8.26
CA GLN A 106 -81.24 -13.41 6.98
C GLN A 106 -79.95 -12.60 7.17
N ARG A 107 -79.97 -11.53 8.02
CA ARG A 107 -78.79 -10.69 8.27
C ARG A 107 -77.70 -11.49 8.99
N LEU A 108 -78.11 -12.47 9.84
CA LEU A 108 -77.21 -13.34 10.60
C LEU A 108 -76.45 -14.25 9.62
N GLU A 109 -77.16 -15.04 8.77
CA GLU A 109 -76.55 -15.97 7.80
C GLU A 109 -75.68 -15.23 6.75
N GLN A 110 -75.89 -13.90 6.60
CA GLN A 110 -75.13 -13.02 5.70
C GLN A 110 -73.84 -12.56 6.39
N ALA A 111 -73.94 -12.18 7.69
CA ALA A 111 -72.79 -11.77 8.49
C ALA A 111 -71.81 -12.96 8.71
N GLU A 112 -72.40 -14.17 8.73
CA GLU A 112 -71.82 -15.49 8.93
C GLU A 112 -70.95 -15.97 7.77
N LYS A 113 -71.33 -15.70 6.50
CA LYS A 113 -70.54 -16.20 5.37
C LYS A 113 -69.14 -15.56 5.31
N GLY A 114 -69.10 -14.23 5.47
CA GLY A 114 -67.84 -13.51 5.51
C GLY A 114 -67.24 -13.56 6.91
N TYR A 115 -66.67 -14.78 7.33
CA TYR A 115 -66.10 -14.88 8.69
C TYR A 115 -64.96 -15.90 8.89
N GLU A 116 -65.21 -17.25 8.87
CA GLU A 116 -64.16 -18.23 9.18
C GLU A 116 -62.93 -18.05 8.26
N GLU A 117 -63.17 -17.88 6.94
CA GLU A 117 -62.14 -17.67 5.93
C GLU A 117 -61.33 -16.40 6.22
N TRP A 118 -61.98 -15.34 6.75
CA TRP A 118 -61.32 -14.08 7.11
C TRP A 118 -60.45 -14.28 8.34
N LEU A 119 -61.00 -14.94 9.36
CA LEU A 119 -60.33 -15.22 10.63
C LEU A 119 -59.04 -15.96 10.37
N LEU A 120 -59.08 -17.03 9.54
CA LEU A 120 -57.95 -17.86 9.17
C LEU A 120 -56.89 -17.12 8.36
N ASN A 121 -57.31 -16.20 7.45
CA ASN A 121 -56.35 -15.42 6.66
C ASN A 121 -55.63 -14.43 7.55
N GLU A 122 -56.35 -13.85 8.51
CA GLU A 122 -55.77 -12.96 9.49
C GLU A 122 -54.81 -13.72 10.40
N ILE A 123 -55.15 -14.98 10.82
CA ILE A 123 -54.24 -15.81 11.66
C ILE A 123 -52.98 -16.15 10.87
N ARG A 124 -53.14 -16.54 9.60
CA ARG A 124 -52.04 -16.90 8.70
C ARG A 124 -51.04 -15.74 8.51
N ARG A 125 -51.58 -14.51 8.32
CA ARG A 125 -50.81 -13.27 8.16
C ARG A 125 -50.07 -12.95 9.46
N LEU A 126 -50.80 -12.96 10.62
CA LEU A 126 -50.20 -12.66 11.92
C LEU A 126 -49.08 -13.64 12.29
N GLU A 127 -49.20 -14.92 11.93
CA GLU A 127 -48.21 -15.95 12.18
C GLU A 127 -46.90 -15.61 11.50
N ARG A 128 -47.02 -15.16 10.22
CA ARG A 128 -45.91 -14.72 9.39
C ARG A 128 -45.27 -13.48 9.99
N LEU A 129 -46.08 -12.43 10.18
CA LEU A 129 -45.63 -11.18 10.76
C LEU A 129 -44.88 -11.41 12.06
N GLU A 130 -45.41 -12.25 12.98
CA GLU A 130 -44.77 -12.52 14.27
C GLU A 130 -43.37 -13.15 14.07
N HIS A 131 -43.25 -14.07 13.09
CA HIS A 131 -42.00 -14.73 12.77
C HIS A 131 -41.01 -13.71 12.20
N LEU A 132 -41.38 -13.04 11.08
CA LEU A 132 -40.48 -12.09 10.43
C LEU A 132 -40.03 -10.94 11.33
N ALA A 133 -40.91 -10.48 12.25
CA ALA A 133 -40.58 -9.40 13.19
C ALA A 133 -39.48 -9.83 14.14
N GLU A 134 -39.48 -11.11 14.55
CA GLU A 134 -38.47 -11.65 15.44
C GLU A 134 -37.21 -11.93 14.64
N LYS A 135 -37.35 -12.43 13.39
CA LYS A 135 -36.17 -12.70 12.53
C LYS A 135 -35.45 -11.39 12.24
N PHE A 136 -36.22 -10.29 12.02
CA PHE A 136 -35.65 -8.96 11.79
C PHE A 136 -34.80 -8.56 13.01
N ARG A 137 -35.39 -8.60 14.23
CA ARG A 137 -34.70 -8.30 15.49
C ARG A 137 -33.42 -9.14 15.63
N GLN A 138 -33.47 -10.43 15.20
CA GLN A 138 -32.33 -11.36 15.25
C GLN A 138 -31.22 -10.88 14.30
N LYS A 139 -31.55 -10.72 13.00
CA LYS A 139 -30.57 -10.32 11.99
C LYS A 139 -30.04 -8.91 12.21
N ALA A 140 -30.92 -7.93 12.51
CA ALA A 140 -30.53 -6.53 12.71
C ALA A 140 -29.54 -6.43 13.86
N SER A 141 -29.88 -7.04 15.02
CA SER A 141 -29.01 -7.05 16.20
C SER A 141 -27.64 -7.60 15.91
N THR A 142 -27.54 -8.77 15.21
CA THR A 142 -26.23 -9.35 14.96
C THR A 142 -25.44 -8.45 13.97
N HIS A 143 -26.10 -7.85 12.97
CA HIS A 143 -25.36 -6.93 12.07
C HIS A 143 -24.88 -5.71 12.86
N GLU A 144 -25.76 -5.17 13.73
CA GLU A 144 -25.48 -4.03 14.60
C GLU A 144 -24.24 -4.31 15.47
N THR A 145 -24.14 -5.53 16.10
CA THR A 145 -22.95 -5.84 16.94
C THR A 145 -21.68 -5.95 16.09
N TRP A 146 -21.79 -6.42 14.83
CA TRP A 146 -20.65 -6.49 13.91
C TRP A 146 -20.20 -5.08 13.50
N ALA A 147 -21.14 -4.17 13.25
CA ALA A 147 -20.84 -2.82 12.76
C ALA A 147 -20.19 -1.92 13.82
N TYR A 148 -20.45 -2.14 15.12
CA TYR A 148 -19.87 -1.31 16.19
C TYR A 148 -18.39 -1.13 16.02
N GLY A 149 -17.96 0.13 16.07
CA GLY A 149 -16.57 0.55 15.94
C GLY A 149 -15.95 0.60 14.55
N LYS A 150 -16.50 -0.14 13.57
CA LYS A 150 -15.91 -0.24 12.21
C LYS A 150 -15.72 1.11 11.50
N GLU A 151 -16.61 2.10 11.72
CA GLU A 151 -16.46 3.41 11.06
C GLU A 151 -15.26 4.16 11.64
N GLN A 152 -15.10 4.10 12.99
CA GLN A 152 -13.99 4.72 13.72
C GLN A 152 -12.67 4.14 13.26
N ILE A 153 -12.57 2.80 13.21
CA ILE A 153 -11.35 2.07 12.80
C ILE A 153 -10.95 2.46 11.37
N LEU A 154 -11.93 2.65 10.47
CA LEU A 154 -11.64 2.97 9.07
C LEU A 154 -11.17 4.38 8.92
N LEU A 155 -11.52 5.25 9.87
CA LEU A 155 -11.07 6.64 9.84
C LEU A 155 -9.68 6.77 10.46
N GLN A 156 -9.16 5.76 11.19
CA GLN A 156 -7.84 5.83 11.81
C GLN A 156 -6.77 6.17 10.81
N LYS A 157 -5.88 7.13 11.20
CA LYS A 157 -4.77 7.66 10.39
C LYS A 157 -3.42 7.09 10.89
N ASP A 158 -3.40 5.76 10.98
CA ASP A 158 -2.25 4.99 11.44
C ASP A 158 -1.07 5.00 10.46
N TYR A 159 -1.34 5.01 9.15
CA TYR A 159 -0.36 4.94 8.06
C TYR A 159 0.50 6.23 7.85
N GLU A 160 0.12 7.39 8.46
CA GLU A 160 0.76 8.71 8.28
C GLU A 160 2.28 8.70 8.55
N SER A 161 2.71 7.97 9.59
CA SER A 161 4.12 7.87 9.97
C SER A 161 4.53 6.39 10.07
N ALA A 162 4.32 5.64 8.98
CA ALA A 162 4.62 4.22 8.94
C ALA A 162 5.60 3.91 7.81
N SER A 163 6.37 2.81 7.99
CA SER A 163 7.38 2.30 7.04
C SER A 163 6.70 1.66 5.84
N LEU A 164 7.45 1.40 4.75
CA LEU A 164 6.94 0.78 3.52
C LEU A 164 6.36 -0.61 3.77
N THR A 165 6.97 -1.39 4.65
CA THR A 165 6.46 -2.74 4.92
C THR A 165 5.34 -2.68 5.95
N GLU A 166 5.36 -1.70 6.89
CA GLU A 166 4.27 -1.48 7.87
C GLU A 166 2.94 -1.22 7.12
N VAL A 167 3.00 -0.33 6.10
CA VAL A 167 1.91 0.07 5.19
C VAL A 167 1.45 -1.16 4.39
N ARG A 168 2.40 -1.92 3.84
CA ARG A 168 2.10 -3.13 3.09
C ARG A 168 1.36 -4.18 3.94
N ALA A 169 1.63 -4.23 5.27
CA ALA A 169 0.92 -5.13 6.19
C ALA A 169 -0.51 -4.67 6.37
N LEU A 170 -0.71 -3.33 6.44
CA LEU A 170 -1.99 -2.67 6.61
C LEU A 170 -2.88 -2.91 5.40
N LEU A 171 -2.26 -3.11 4.20
CA LEU A 171 -2.98 -3.39 2.95
C LEU A 171 -3.43 -4.84 2.85
N ARG A 172 -2.73 -5.79 3.52
CA ARG A 172 -3.19 -7.19 3.48
C ARG A 172 -4.34 -7.32 4.46
N LYS A 173 -4.20 -6.67 5.63
CA LYS A 173 -5.22 -6.64 6.69
C LYS A 173 -6.50 -6.00 6.17
N HIS A 174 -6.36 -4.91 5.37
CA HIS A 174 -7.47 -4.20 4.75
C HIS A 174 -8.11 -5.05 3.64
N GLU A 175 -7.28 -5.82 2.89
CA GLU A 175 -7.76 -6.74 1.86
C GLU A 175 -8.73 -7.76 2.50
N ALA A 176 -8.37 -8.23 3.73
CA ALA A 176 -9.17 -9.16 4.54
C ALA A 176 -10.46 -8.51 4.97
N PHE A 177 -10.42 -7.22 5.34
CA PHE A 177 -11.61 -6.48 5.77
C PHE A 177 -12.61 -6.37 4.64
N GLU A 178 -12.11 -6.10 3.41
CA GLU A 178 -12.91 -5.94 2.19
C GLU A 178 -13.70 -7.21 1.85
N SER A 179 -13.07 -8.41 2.06
CA SER A 179 -13.70 -9.71 1.83
C SER A 179 -14.82 -9.93 2.85
N ASP A 180 -14.54 -9.54 4.14
CA ASP A 180 -15.48 -9.61 5.27
C ASP A 180 -16.66 -8.69 4.99
N LEU A 181 -16.39 -7.53 4.40
CA LEU A 181 -17.40 -6.57 4.03
C LEU A 181 -18.26 -7.10 2.89
N ALA A 182 -17.69 -7.85 1.95
CA ALA A 182 -18.44 -8.41 0.81
C ALA A 182 -19.46 -9.45 1.31
N ALA A 183 -19.02 -10.27 2.28
CA ALA A 183 -19.80 -11.30 2.92
C ALA A 183 -21.10 -10.75 3.54
N HIS A 184 -21.02 -9.56 4.19
CA HIS A 184 -22.18 -8.94 4.86
C HIS A 184 -23.15 -8.23 3.92
N GLN A 185 -22.85 -8.17 2.61
CA GLN A 185 -23.74 -7.51 1.64
C GLN A 185 -25.13 -8.12 1.64
N ASP A 186 -25.21 -9.46 1.60
CA ASP A 186 -26.47 -10.19 1.56
C ASP A 186 -27.23 -10.15 2.88
N ARG A 187 -26.52 -10.01 4.01
CA ARG A 187 -27.12 -9.92 5.35
C ARG A 187 -27.92 -8.60 5.45
N VAL A 188 -27.41 -7.50 4.83
CA VAL A 188 -28.09 -6.20 4.86
C VAL A 188 -29.24 -6.25 3.86
N GLU A 189 -29.07 -7.03 2.77
CA GLU A 189 -30.11 -7.20 1.76
C GLU A 189 -31.28 -7.97 2.40
N GLN A 190 -30.96 -9.05 3.17
CA GLN A 190 -31.95 -9.84 3.91
C GLN A 190 -32.70 -8.93 4.89
N ILE A 191 -31.96 -8.07 5.64
CA ILE A 191 -32.55 -7.13 6.61
C ILE A 191 -33.55 -6.19 5.90
N ALA A 192 -33.10 -5.55 4.79
CA ALA A 192 -33.93 -4.66 3.99
C ALA A 192 -35.17 -5.38 3.42
N ALA A 193 -35.01 -6.64 2.93
CA ALA A 193 -36.11 -7.46 2.38
C ALA A 193 -37.16 -7.80 3.43
N ILE A 194 -36.73 -8.24 4.62
CA ILE A 194 -37.62 -8.57 5.75
C ILE A 194 -38.37 -7.32 6.15
N ALA A 195 -37.69 -6.15 6.20
CA ALA A 195 -38.34 -4.88 6.54
C ALA A 195 -39.41 -4.53 5.51
N GLN A 196 -39.12 -4.76 4.21
CA GLN A 196 -40.06 -4.47 3.12
C GLN A 196 -41.28 -5.39 3.21
N GLU A 197 -41.10 -6.70 3.53
CA GLU A 197 -42.24 -7.61 3.69
C GLU A 197 -43.06 -7.22 4.92
N LEU A 198 -42.42 -6.86 6.05
CA LEU A 198 -43.15 -6.45 7.26
C LEU A 198 -43.98 -5.21 6.99
N ASN A 199 -43.53 -4.38 6.04
CA ASN A 199 -44.24 -3.16 5.64
C ASN A 199 -45.47 -3.50 4.80
N GLU A 200 -45.28 -4.38 3.78
CA GLU A 200 -46.34 -4.84 2.88
C GLU A 200 -47.45 -5.57 3.63
N LEU A 201 -47.11 -6.44 4.61
CA LEU A 201 -48.11 -7.13 5.43
C LEU A 201 -48.69 -6.23 6.52
N ASP A 202 -48.23 -4.96 6.62
CA ASP A 202 -48.71 -3.96 7.59
C ASP A 202 -48.48 -4.46 9.06
N TYR A 203 -47.22 -4.41 9.50
CA TYR A 203 -46.81 -4.75 10.86
C TYR A 203 -47.15 -3.54 11.72
N HIS A 204 -47.48 -3.75 13.01
CA HIS A 204 -47.90 -2.63 13.86
C HIS A 204 -46.75 -1.68 14.27
N ASP A 205 -45.48 -2.14 14.21
CA ASP A 205 -44.31 -1.35 14.59
C ASP A 205 -43.37 -1.07 13.38
N ALA A 206 -43.94 -1.06 12.16
CA ALA A 206 -43.27 -0.87 10.87
C ALA A 206 -42.39 0.40 10.81
N VAL A 207 -42.82 1.50 11.45
CA VAL A 207 -42.05 2.76 11.44
C VAL A 207 -40.69 2.62 12.14
N ASN A 208 -40.70 2.04 13.35
CA ASN A 208 -39.49 1.77 14.12
C ASN A 208 -38.58 0.80 13.34
N VAL A 209 -39.18 -0.30 12.75
CA VAL A 209 -38.49 -1.26 11.88
C VAL A 209 -37.76 -0.49 10.78
N ASN A 210 -38.51 0.35 10.03
CA ASN A 210 -37.95 1.17 8.96
C ASN A 210 -36.85 2.12 9.43
N ASP A 211 -36.95 2.71 10.66
CA ASP A 211 -35.87 3.59 11.14
C ASP A 211 -34.62 2.80 11.49
N ARG A 212 -34.78 1.61 12.13
CA ARG A 212 -33.70 0.68 12.48
C ARG A 212 -32.98 0.25 11.21
N CYS A 213 -33.76 -0.09 10.19
CA CYS A 213 -33.30 -0.51 8.89
C CYS A 213 -32.59 0.61 8.13
N GLN A 214 -33.15 1.84 8.17
CA GLN A 214 -32.57 3.02 7.50
C GLN A 214 -31.18 3.29 8.05
N LYS A 215 -31.07 3.21 9.40
CA LYS A 215 -29.82 3.39 10.11
C LYS A 215 -28.77 2.40 9.57
N ILE A 216 -29.10 1.10 9.45
CA ILE A 216 -28.22 0.05 8.93
C ILE A 216 -27.84 0.33 7.46
N CYS A 217 -28.81 0.71 6.61
CA CYS A 217 -28.56 0.94 5.18
C CYS A 217 -27.71 2.16 4.93
N ASP A 218 -27.97 3.27 5.68
CA ASP A 218 -27.14 4.48 5.56
C ASP A 218 -25.72 4.17 5.97
N GLN A 219 -25.56 3.54 7.14
CA GLN A 219 -24.26 3.14 7.63
C GLN A 219 -23.55 2.25 6.64
N TRP A 220 -24.25 1.35 5.97
CA TRP A 220 -23.65 0.43 5.00
C TRP A 220 -23.01 1.16 3.82
N ASP A 221 -23.64 2.26 3.37
CA ASP A 221 -23.14 3.10 2.28
C ASP A 221 -21.86 3.81 2.70
N ARG A 222 -21.84 4.32 3.95
CA ARG A 222 -20.66 5.02 4.51
C ARG A 222 -19.52 4.05 4.66
N LEU A 223 -19.80 2.84 5.23
CA LEU A 223 -18.77 1.80 5.41
C LEU A 223 -18.11 1.54 4.09
N GLY A 224 -18.94 1.48 3.05
CA GLY A 224 -18.49 1.31 1.68
C GLY A 224 -17.49 2.36 1.25
N THR A 225 -17.88 3.67 1.35
CA THR A 225 -16.99 4.78 0.91
C THR A 225 -15.72 4.87 1.82
N LEU A 226 -15.89 4.79 3.17
CA LEU A 226 -14.74 4.80 4.11
C LEU A 226 -13.73 3.71 3.79
N THR A 227 -14.21 2.51 3.38
CA THR A 227 -13.34 1.38 3.01
C THR A 227 -12.53 1.75 1.75
N GLN A 228 -13.16 2.39 0.75
CA GLN A 228 -12.41 2.80 -0.46
C GLN A 228 -11.42 3.90 -0.15
N LYS A 229 -11.87 4.98 0.57
CA LYS A 229 -11.01 6.10 0.97
C LYS A 229 -9.72 5.58 1.66
N ARG A 230 -9.86 4.58 2.55
CA ARG A 230 -8.76 3.95 3.26
C ARG A 230 -7.85 3.19 2.28
N ARG A 231 -8.41 2.43 1.33
CA ARG A 231 -7.60 1.70 0.36
C ARG A 231 -6.81 2.72 -0.49
N GLU A 232 -7.47 3.83 -0.91
CA GLU A 232 -6.81 4.89 -1.70
C GLU A 232 -5.60 5.45 -0.95
N ALA A 233 -5.81 5.78 0.34
CA ALA A 233 -4.83 6.36 1.25
C ALA A 233 -3.62 5.45 1.42
N LEU A 234 -3.86 4.14 1.69
CA LEU A 234 -2.80 3.15 1.85
C LEU A 234 -2.06 2.93 0.52
N GLU A 235 -2.79 2.78 -0.61
CA GLU A 235 -2.19 2.63 -1.95
C GLU A 235 -1.29 3.82 -2.31
N ARG A 236 -1.69 5.06 -1.91
CA ARG A 236 -0.95 6.30 -2.13
C ARG A 236 0.32 6.26 -1.33
N MET A 237 0.19 6.09 0.02
CA MET A 237 1.30 5.97 0.96
C MET A 237 2.30 4.88 0.52
N GLU A 238 1.80 3.75 0.01
CA GLU A 238 2.61 2.65 -0.51
C GLU A 238 3.39 3.07 -1.77
N LYS A 239 2.79 3.84 -2.71
CA LYS A 239 3.51 4.25 -3.93
C LYS A 239 4.64 5.25 -3.66
N LEU A 240 4.43 6.19 -2.73
CA LEU A 240 5.39 7.23 -2.47
C LEU A 240 6.55 6.69 -1.59
N LEU A 241 6.28 5.74 -0.66
CA LEU A 241 7.36 5.12 0.12
C LEU A 241 8.16 4.13 -0.77
N GLU A 242 7.57 3.65 -1.90
CA GLU A 242 8.20 2.78 -2.90
C GLU A 242 9.17 3.58 -3.77
N THR A 243 8.72 4.73 -4.32
CA THR A 243 9.55 5.58 -5.21
C THR A 243 10.76 6.14 -4.44
N ILE A 244 10.56 6.52 -3.15
CA ILE A 244 11.61 7.04 -2.28
C ILE A 244 12.61 5.92 -1.97
N ASP A 245 12.12 4.70 -1.79
CA ASP A 245 12.97 3.55 -1.50
C ASP A 245 13.84 3.23 -2.70
N GLN A 246 13.27 3.23 -3.91
CA GLN A 246 14.02 2.95 -5.13
C GLN A 246 15.15 3.99 -5.35
N LEU A 247 14.84 5.29 -5.05
CA LEU A 247 15.78 6.41 -5.13
C LEU A 247 16.90 6.23 -4.13
N HIS A 248 16.55 5.97 -2.86
CA HIS A 248 17.52 5.72 -1.78
C HIS A 248 18.50 4.59 -2.13
N LEU A 249 18.03 3.54 -2.82
CA LEU A 249 18.88 2.43 -3.24
C LEU A 249 19.80 2.90 -4.36
N GLU A 250 19.25 3.53 -5.42
CA GLU A 250 20.03 4.07 -6.54
C GLU A 250 21.17 4.95 -6.00
N PHE A 251 20.87 5.81 -5.00
CA PHE A 251 21.84 6.70 -4.37
C PHE A 251 22.98 5.90 -3.75
N ALA A 252 22.68 5.00 -2.82
CA ALA A 252 23.63 4.13 -2.11
C ALA A 252 24.51 3.29 -3.05
N LYS A 253 23.92 2.83 -4.17
CA LYS A 253 24.55 2.00 -5.17
C LYS A 253 25.66 2.80 -5.90
N ARG A 254 25.36 4.05 -6.28
CA ARG A 254 26.29 4.91 -7.00
C ARG A 254 27.20 5.72 -6.06
N ALA A 255 26.76 6.02 -4.82
CA ALA A 255 27.57 6.81 -3.89
C ALA A 255 28.75 6.06 -3.31
N ALA A 256 28.67 4.73 -3.17
CA ALA A 256 29.73 3.91 -2.62
C ALA A 256 30.96 3.89 -3.53
N PRO A 257 30.86 3.57 -4.85
CA PRO A 257 32.07 3.59 -5.69
C PRO A 257 32.64 4.99 -5.85
N PHE A 258 31.76 6.01 -5.94
CA PHE A 258 32.22 7.38 -6.11
C PHE A 258 33.01 7.81 -4.88
N ASN A 259 32.50 7.46 -3.68
CA ASN A 259 33.19 7.78 -2.43
C ASN A 259 34.56 7.09 -2.41
N ASN A 260 34.61 5.79 -2.81
CA ASN A 260 35.85 4.99 -2.86
C ASN A 260 36.90 5.70 -3.72
N TRP A 261 36.48 6.13 -4.93
CA TRP A 261 37.36 6.85 -5.85
C TRP A 261 37.89 8.11 -5.21
N MET A 262 37.00 8.90 -4.59
CA MET A 262 37.36 10.16 -3.97
C MET A 262 38.40 10.02 -2.89
N GLU A 263 38.23 9.01 -2.01
CA GLU A 263 39.13 8.72 -0.88
C GLU A 263 40.49 8.30 -1.41
N GLY A 264 40.48 7.59 -2.55
CA GLY A 264 41.68 7.11 -3.23
C GLY A 264 42.48 8.24 -3.81
N ALA A 265 41.80 9.09 -4.63
CA ALA A 265 42.36 10.29 -5.24
C ALA A 265 43.03 11.19 -4.18
N MET A 266 42.35 11.42 -3.03
CA MET A 266 42.84 12.24 -1.91
C MET A 266 44.15 11.71 -1.36
N GLU A 267 44.28 10.39 -1.27
CA GLU A 267 45.48 9.75 -0.73
C GLU A 267 46.62 9.82 -1.75
N ASP A 268 46.30 9.50 -3.02
CA ASP A 268 47.29 9.44 -4.07
C ASP A 268 47.74 10.84 -4.59
N LEU A 269 46.93 11.90 -4.41
CA LEU A 269 47.38 13.24 -4.85
C LEU A 269 48.39 13.81 -3.81
N GLN A 270 48.58 13.07 -2.72
CA GLN A 270 49.46 13.42 -1.62
C GLN A 270 50.66 12.50 -1.56
N ASP A 271 50.71 11.48 -2.43
CA ASP A 271 51.79 10.48 -2.48
C ASP A 271 53.14 11.13 -2.73
N MET A 272 54.09 10.87 -1.82
CA MET A 272 55.41 11.47 -1.93
C MET A 272 56.29 10.68 -2.89
N PHE A 273 56.87 11.39 -3.87
CA PHE A 273 57.68 10.81 -4.93
C PHE A 273 59.20 11.10 -4.78
N ILE A 274 59.99 10.24 -5.44
CA ILE A 274 61.45 10.31 -5.55
C ILE A 274 61.77 10.12 -7.02
N VAL A 275 62.58 11.01 -7.62
CA VAL A 275 62.92 10.88 -9.04
C VAL A 275 64.38 11.24 -9.27
N HIS A 276 64.97 10.70 -10.34
CA HIS A 276 66.37 10.94 -10.68
C HIS A 276 66.53 11.06 -12.20
N SER A 277 65.44 11.46 -12.89
CA SER A 277 65.35 11.54 -14.33
C SER A 277 64.21 12.47 -14.77
N ILE A 278 64.42 13.20 -15.88
CA ILE A 278 63.37 14.05 -16.45
C ILE A 278 62.20 13.15 -16.88
N GLU A 279 62.51 12.00 -17.52
CA GLU A 279 61.53 11.02 -17.97
C GLU A 279 60.59 10.62 -16.82
N GLU A 280 61.19 10.28 -15.64
CA GLU A 280 60.49 9.88 -14.42
C GLU A 280 59.48 10.94 -13.99
N ILE A 281 59.89 12.21 -13.82
CA ILE A 281 58.97 13.28 -13.39
C ILE A 281 57.95 13.57 -14.48
N GLN A 282 58.32 13.44 -15.77
CA GLN A 282 57.36 13.67 -16.84
C GLN A 282 56.23 12.61 -16.80
N SER A 283 56.54 11.34 -16.42
CA SER A 283 55.57 10.25 -16.23
C SER A 283 54.49 10.70 -15.25
N LEU A 284 54.91 11.23 -14.09
CA LEU A 284 54.05 11.74 -13.04
C LEU A 284 53.21 12.92 -13.55
N ILE A 285 53.79 13.84 -14.34
CA ILE A 285 53.02 14.98 -14.90
C ILE A 285 51.96 14.44 -15.85
N THR A 286 52.33 13.44 -16.69
CA THR A 286 51.40 12.85 -17.67
C THR A 286 50.24 12.28 -16.93
N ALA A 287 50.53 11.40 -15.92
CA ALA A 287 49.55 10.73 -15.06
C ALA A 287 48.64 11.76 -14.41
N HIS A 288 49.19 12.89 -13.91
CA HIS A 288 48.38 13.96 -13.32
C HIS A 288 47.49 14.65 -14.33
N GLU A 289 48.02 14.92 -15.54
CA GLU A 289 47.19 15.56 -16.57
C GLU A 289 46.05 14.61 -16.94
N GLN A 290 46.33 13.27 -16.97
CA GLN A 290 45.31 12.25 -17.24
C GLN A 290 44.24 12.32 -16.19
N PHE A 291 44.63 12.47 -14.91
CA PHE A 291 43.69 12.60 -13.80
C PHE A 291 42.82 13.83 -13.95
N LYS A 292 43.41 15.03 -14.10
CA LYS A 292 42.66 16.28 -14.27
C LYS A 292 41.68 16.20 -15.41
N ALA A 293 42.05 15.43 -16.47
CA ALA A 293 41.23 15.27 -17.68
C ALA A 293 39.82 14.74 -17.39
N THR A 294 39.69 13.76 -16.49
CA THR A 294 38.40 13.14 -16.18
C THR A 294 37.63 13.83 -15.07
N LEU A 295 38.18 14.90 -14.45
CA LEU A 295 37.47 15.57 -13.36
C LEU A 295 36.08 16.09 -13.79
N PRO A 296 35.87 16.68 -14.99
CA PRO A 296 34.50 17.09 -15.36
C PRO A 296 33.54 15.91 -15.43
N GLU A 297 33.99 14.72 -15.90
CA GLU A 297 33.17 13.51 -15.97
C GLU A 297 32.76 13.04 -14.54
N ALA A 298 33.74 13.07 -13.61
CA ALA A 298 33.60 12.74 -12.18
C ALA A 298 32.60 13.67 -11.52
N ASP A 299 32.64 14.97 -11.85
CA ASP A 299 31.72 15.97 -11.30
C ASP A 299 30.31 15.71 -11.80
N GLY A 300 30.18 15.23 -13.04
CA GLY A 300 28.90 14.85 -13.64
C GLY A 300 28.24 13.77 -12.81
N GLU A 301 29.02 12.75 -12.42
CA GLU A 301 28.55 11.68 -11.55
C GLU A 301 28.21 12.23 -10.17
N ARG A 302 29.07 13.09 -9.59
CA ARG A 302 28.83 13.72 -8.29
C ARG A 302 27.51 14.52 -8.26
N GLN A 303 27.26 15.34 -9.32
CA GLN A 303 26.04 16.15 -9.49
C GLN A 303 24.79 15.25 -9.61
N SER A 304 24.90 14.15 -10.42
CA SER A 304 23.83 13.18 -10.67
C SER A 304 23.41 12.47 -9.40
N ILE A 305 24.38 12.05 -8.58
CA ILE A 305 24.12 11.35 -7.32
C ILE A 305 23.38 12.29 -6.36
N MET A 306 23.84 13.55 -6.25
CA MET A 306 23.23 14.51 -5.36
C MET A 306 21.81 14.84 -5.79
N ALA A 307 21.56 14.81 -7.12
CA ALA A 307 20.22 15.03 -7.72
C ALA A 307 19.24 13.94 -7.25
N ILE A 308 19.72 12.67 -7.13
CA ILE A 308 18.91 11.55 -6.64
C ILE A 308 18.34 11.91 -5.26
N GLN A 309 19.18 12.38 -4.33
CA GLN A 309 18.70 12.79 -3.01
C GLN A 309 17.73 14.00 -3.09
N ASN A 310 18.04 15.04 -3.90
CA ASN A 310 17.15 16.21 -4.00
C ASN A 310 15.78 15.83 -4.59
N GLU A 311 15.71 14.73 -5.37
CA GLU A 311 14.45 14.23 -5.91
C GLU A 311 13.62 13.64 -4.77
N VAL A 312 14.24 12.94 -3.78
CA VAL A 312 13.47 12.35 -2.69
C VAL A 312 12.81 13.47 -1.88
N GLU A 313 13.58 14.52 -1.53
CA GLU A 313 13.06 15.64 -0.78
C GLU A 313 11.91 16.34 -1.55
N LYS A 314 12.02 16.41 -2.92
CA LYS A 314 11.00 16.99 -3.81
C LYS A 314 9.73 16.12 -3.74
N VAL A 315 9.87 14.78 -3.79
CA VAL A 315 8.75 13.82 -3.65
C VAL A 315 8.11 14.01 -2.26
N ILE A 316 8.89 13.86 -1.16
CA ILE A 316 8.42 14.08 0.23
C ILE A 316 7.65 15.42 0.36
N GLN A 317 8.24 16.56 -0.06
CA GLN A 317 7.62 17.88 0.05
C GLN A 317 6.33 17.98 -0.76
N SER A 318 6.36 17.57 -2.04
CA SER A 318 5.23 17.69 -2.96
C SER A 318 4.04 16.82 -2.57
N TYR A 319 4.25 15.56 -2.24
CA TYR A 319 3.12 14.70 -1.90
C TYR A 319 2.71 14.89 -0.44
N ASN A 320 3.35 15.85 0.25
CA ASN A 320 3.13 16.31 1.63
C ASN A 320 3.33 15.17 2.67
N ILE A 321 3.92 14.05 2.25
CA ILE A 321 4.17 12.94 3.17
C ILE A 321 5.34 13.34 4.08
N ARG A 322 4.98 13.96 5.22
CA ARG A 322 5.97 14.38 6.21
C ARG A 322 6.51 13.11 6.90
N ILE A 323 7.68 12.70 6.39
CA ILE A 323 8.52 11.55 6.79
C ILE A 323 10.01 11.99 6.64
N SER A 324 10.99 11.10 6.95
CA SER A 324 12.39 11.51 6.88
C SER A 324 13.07 11.17 5.56
N SER A 325 13.81 12.17 5.04
CA SER A 325 14.60 12.12 3.80
C SER A 325 15.86 11.22 3.92
N SER A 326 16.27 10.87 5.17
CA SER A 326 17.42 10.02 5.53
C SER A 326 17.45 8.68 4.77
N ASN A 327 18.63 8.30 4.26
CA ASN A 327 18.83 7.09 3.49
C ASN A 327 19.21 5.92 4.41
N PRO A 328 18.37 4.87 4.48
CA PRO A 328 18.72 3.73 5.33
C PRO A 328 19.76 2.79 4.69
N TYR A 329 20.12 2.99 3.40
CA TYR A 329 21.04 2.12 2.68
C TYR A 329 22.47 2.70 2.51
N SER A 330 22.66 3.99 2.82
CA SER A 330 23.97 4.59 2.64
C SER A 330 24.38 5.42 3.80
N THR A 331 25.67 5.30 4.04
CA THR A 331 26.47 5.97 5.05
C THR A 331 26.86 7.37 4.54
N VAL A 332 27.12 7.47 3.21
CA VAL A 332 27.54 8.67 2.51
C VAL A 332 26.50 9.77 2.62
N THR A 333 26.87 10.90 3.25
CA THR A 333 26.02 12.07 3.42
C THR A 333 26.23 13.08 2.26
N MET A 334 25.29 14.04 2.11
CA MET A 334 25.34 15.13 1.13
C MET A 334 26.56 15.99 1.34
N ASP A 335 26.95 16.15 2.61
CA ASP A 335 28.11 16.95 3.00
C ASP A 335 29.41 16.26 2.65
N GLU A 336 29.46 14.89 2.72
CA GLU A 336 30.66 14.12 2.34
C GLU A 336 30.92 14.29 0.84
N LEU A 337 29.87 14.26 0.02
CA LEU A 337 29.96 14.45 -1.43
C LEU A 337 30.39 15.86 -1.80
N ARG A 338 30.25 16.80 -0.86
CA ARG A 338 30.61 18.20 -1.05
C ARG A 338 32.04 18.42 -0.54
N THR A 339 32.29 18.19 0.74
CA THR A 339 33.56 18.40 1.43
C THR A 339 34.73 17.56 0.88
N LYS A 340 34.46 16.26 0.52
CA LYS A 340 35.50 15.38 -0.03
C LYS A 340 35.91 15.86 -1.41
N TRP A 341 34.93 16.19 -2.27
CA TRP A 341 35.18 16.72 -3.60
C TRP A 341 35.97 18.02 -3.52
N ASP A 342 35.62 18.91 -2.58
CA ASP A 342 36.31 20.19 -2.39
C ASP A 342 37.78 19.96 -1.99
N LYS A 343 38.06 18.88 -1.24
CA LYS A 343 39.41 18.47 -0.83
C LYS A 343 40.21 18.03 -2.07
N VAL A 344 39.60 17.18 -2.93
CA VAL A 344 40.19 16.64 -4.16
C VAL A 344 40.62 17.82 -5.02
N LYS A 345 39.70 18.74 -5.24
CA LYS A 345 39.89 19.95 -6.01
C LYS A 345 40.98 20.87 -5.37
N GLN A 346 41.16 20.81 -4.04
CA GLN A 346 42.14 21.63 -3.32
C GLN A 346 43.55 21.04 -3.48
N LEU A 347 43.65 19.70 -3.52
CA LEU A 347 44.89 18.93 -3.67
C LEU A 347 45.44 18.95 -5.11
N VAL A 348 44.58 18.98 -6.14
CA VAL A 348 45.00 19.01 -7.57
C VAL A 348 46.11 20.09 -7.80
N PRO A 349 45.91 21.40 -7.45
CA PRO A 349 46.98 22.39 -7.70
C PRO A 349 48.19 22.23 -6.79
N ILE A 350 48.02 21.66 -5.58
CA ILE A 350 49.17 21.44 -4.70
C ILE A 350 50.07 20.39 -5.37
N ARG A 351 49.48 19.32 -6.00
CA ARG A 351 50.31 18.34 -6.72
C ARG A 351 50.95 19.01 -7.94
N ASP A 352 50.21 19.90 -8.64
CA ASP A 352 50.75 20.64 -9.80
C ASP A 352 52.04 21.32 -9.44
N GLN A 353 52.07 22.06 -8.30
CA GLN A 353 53.22 22.81 -7.80
C GLN A 353 54.39 21.90 -7.49
N SER A 354 54.15 20.84 -6.70
CA SER A 354 55.22 19.93 -6.34
C SER A 354 55.81 19.26 -7.60
N LEU A 355 54.94 18.84 -8.54
CA LEU A 355 55.42 18.22 -9.78
C LEU A 355 56.28 19.20 -10.61
N GLN A 356 55.81 20.45 -10.80
CA GLN A 356 56.52 21.45 -11.58
C GLN A 356 57.84 21.84 -10.92
N GLU A 357 57.86 21.95 -9.56
CA GLU A 357 59.09 22.28 -8.84
C GLU A 357 60.11 21.22 -9.11
N GLU A 358 59.69 19.95 -9.12
CA GLU A 358 60.56 18.81 -9.38
C GLU A 358 61.00 18.78 -10.83
N LEU A 359 60.10 19.09 -11.77
CA LEU A 359 60.53 19.16 -13.17
C LEU A 359 61.66 20.19 -13.32
N ALA A 360 61.52 21.38 -12.66
CA ALA A 360 62.55 22.45 -12.70
C ALA A 360 63.88 21.92 -12.22
N ARG A 361 63.86 21.14 -11.10
CA ARG A 361 65.05 20.52 -10.51
C ARG A 361 65.66 19.52 -11.48
N GLN A 362 64.85 18.58 -12.03
CA GLN A 362 65.36 17.55 -12.94
C GLN A 362 66.09 18.13 -14.15
N HIS A 363 65.58 19.28 -14.65
CA HIS A 363 66.20 20.04 -15.74
C HIS A 363 67.47 20.65 -15.25
N ALA A 364 67.44 21.30 -14.07
CA ALA A 364 68.64 21.94 -13.50
C ALA A 364 69.81 20.95 -13.42
N ASN A 365 69.54 19.72 -12.95
CA ASN A 365 70.47 18.60 -12.81
C ASN A 365 71.06 18.18 -14.17
N GLU A 366 70.22 18.01 -15.20
CA GLU A 366 70.65 17.67 -16.57
C GLU A 366 71.58 18.76 -17.10
N ARG A 367 71.23 20.04 -16.85
CA ARG A 367 72.05 21.18 -17.22
C ARG A 367 73.47 20.98 -16.62
N LEU A 368 73.56 20.59 -15.33
CA LEU A 368 74.85 20.34 -14.67
C LEU A 368 75.56 19.14 -15.26
N ARG A 369 74.83 18.06 -15.55
CA ARG A 369 75.42 16.84 -16.13
C ARG A 369 76.13 17.16 -17.43
N ARG A 370 75.44 17.91 -18.28
CA ARG A 370 75.87 18.31 -19.62
C ARG A 370 77.05 19.24 -19.55
N GLN A 371 77.08 20.16 -18.54
CA GLN A 371 78.15 21.15 -18.47
C GLN A 371 79.43 20.49 -17.97
N PHE A 372 79.33 19.50 -17.05
CA PHE A 372 80.46 18.74 -16.54
C PHE A 372 81.04 17.86 -17.65
N ALA A 373 80.18 17.14 -18.37
CA ALA A 373 80.56 16.23 -19.45
C ALA A 373 81.31 16.96 -20.56
N ALA A 374 80.87 18.18 -20.90
CA ALA A 374 81.47 18.98 -21.96
C ALA A 374 82.91 19.28 -21.64
N GLN A 375 83.18 19.60 -20.35
CA GLN A 375 84.51 19.95 -19.85
C GLN A 375 85.36 18.69 -19.73
N ALA A 376 84.87 17.67 -18.99
CA ALA A 376 85.61 16.42 -18.79
C ALA A 376 86.04 15.78 -20.13
N ASN A 377 85.13 15.78 -21.14
CA ASN A 377 85.40 15.17 -22.45
C ASN A 377 86.44 15.95 -23.25
N ALA A 378 86.87 17.10 -22.74
CA ALA A 378 87.90 17.94 -23.37
C ALA A 378 89.19 17.86 -22.54
N ILE A 379 89.04 17.96 -21.21
CA ILE A 379 90.15 17.89 -20.28
C ILE A 379 90.80 16.50 -20.37
N GLY A 380 89.99 15.44 -20.25
CA GLY A 380 90.46 14.06 -20.30
C GLY A 380 91.46 13.82 -21.40
N PRO A 381 91.07 13.98 -22.69
CA PRO A 381 92.03 13.76 -23.78
C PRO A 381 93.20 14.75 -23.80
N TRP A 382 93.04 15.95 -23.22
CA TRP A 382 94.14 16.92 -23.22
C TRP A 382 95.29 16.41 -22.36
N ILE A 383 94.96 15.79 -21.19
CA ILE A 383 95.92 15.19 -20.25
C ILE A 383 96.64 14.04 -20.94
N GLN A 384 95.87 13.15 -21.59
CA GLN A 384 96.42 12.00 -22.29
C GLN A 384 97.37 12.41 -23.43
N ASN A 385 97.09 13.50 -24.17
CA ASN A 385 98.00 13.87 -25.27
C ASN A 385 99.26 14.55 -24.71
N LYS A 386 99.16 15.21 -23.54
CA LYS A 386 100.32 15.84 -22.88
C LYS A 386 101.26 14.76 -22.32
N MET A 387 100.68 13.69 -21.73
CA MET A 387 101.42 12.53 -21.24
C MET A 387 102.21 11.90 -22.39
N GLU A 388 101.55 11.68 -23.55
CA GLU A 388 102.21 11.12 -24.75
C GLU A 388 103.32 12.04 -25.24
N GLU A 389 103.13 13.38 -25.13
CA GLU A 389 104.14 14.34 -25.56
C GLU A 389 105.35 14.30 -24.65
N ILE A 390 105.13 14.20 -23.33
CA ILE A 390 106.24 14.14 -22.36
C ILE A 390 107.00 12.83 -22.59
N ALA A 391 106.27 11.69 -22.69
CA ALA A 391 106.85 10.38 -22.92
C ALA A 391 107.68 10.33 -24.21
N ARG A 392 107.25 11.05 -25.26
CA ARG A 392 107.96 11.15 -26.54
C ARG A 392 109.22 12.02 -26.41
N SER A 393 109.26 12.91 -25.41
CA SER A 393 110.39 13.82 -25.16
C SER A 393 111.47 13.17 -24.28
N SER A 394 111.07 12.36 -23.29
CA SER A 394 112.00 11.71 -22.38
C SER A 394 112.73 10.51 -23.04
N ILE A 395 111.95 9.53 -23.59
CA ILE A 395 112.41 8.28 -24.24
C ILE A 395 113.22 8.58 -25.53
N GLN A 396 112.69 9.44 -26.42
CA GLN A 396 113.36 9.80 -27.67
C GLN A 396 114.41 10.90 -27.44
N ILE A 397 115.68 10.56 -27.71
CA ILE A 397 116.79 11.47 -27.61
C ILE A 397 117.39 11.56 -29.00
N THR A 398 117.41 12.78 -29.54
CA THR A 398 117.94 13.14 -30.86
C THR A 398 119.13 14.10 -30.56
N GLY A 399 118.92 15.41 -30.71
CA GLY A 399 119.92 16.41 -30.40
C GLY A 399 120.13 16.51 -28.90
N ALA A 400 121.03 17.44 -28.49
CA ALA A 400 121.46 17.76 -27.11
C ALA A 400 120.35 17.69 -26.05
N LEU A 401 120.74 17.35 -24.81
CA LEU A 401 119.88 17.29 -23.63
C LEU A 401 119.10 18.60 -23.47
N GLU A 402 119.67 19.72 -23.95
CA GLU A 402 119.06 21.03 -23.92
C GLU A 402 117.77 21.08 -24.74
N ASP A 403 117.75 20.44 -25.91
CA ASP A 403 116.56 20.42 -26.75
C ASP A 403 115.40 19.75 -26.03
N GLN A 404 115.66 18.68 -25.23
CA GLN A 404 114.64 18.00 -24.40
C GLN A 404 114.17 18.91 -23.29
N MET A 405 115.10 19.69 -22.72
CA MET A 405 114.85 20.62 -21.62
C MET A 405 113.93 21.77 -22.07
N ASN A 406 114.07 22.22 -23.32
CA ASN A 406 113.26 23.29 -23.89
C ASN A 406 111.87 22.80 -24.15
N GLN A 407 111.75 21.57 -24.69
CA GLN A 407 110.49 20.93 -25.01
C GLN A 407 109.71 20.73 -23.70
N LEU A 408 110.30 20.03 -22.73
CA LEU A 408 109.69 19.79 -21.42
C LEU A 408 109.36 21.08 -20.66
N LYS A 409 110.17 22.13 -20.82
CA LYS A 409 109.90 23.37 -20.12
C LYS A 409 108.70 24.08 -20.72
N GLN A 410 108.48 23.92 -22.04
CA GLN A 410 107.31 24.48 -22.70
C GLN A 410 106.05 23.66 -22.30
N TYR A 411 106.11 22.32 -22.36
CA TYR A 411 105.01 21.47 -21.88
C TYR A 411 104.57 21.87 -20.45
N GLU A 412 105.53 22.26 -19.61
CA GLU A 412 105.30 22.65 -18.23
C GLU A 412 104.55 23.96 -18.17
N HIS A 413 104.86 24.90 -19.05
CA HIS A 413 104.19 26.20 -19.12
C HIS A 413 102.72 25.98 -19.48
N ASN A 414 102.49 25.15 -20.53
CA ASN A 414 101.19 24.70 -21.00
C ASN A 414 100.34 24.10 -19.88
N ILE A 415 100.94 23.26 -19.00
CA ILE A 415 100.25 22.60 -17.90
C ILE A 415 99.78 23.67 -16.90
N ILE A 416 100.69 24.60 -16.51
CA ILE A 416 100.42 25.71 -15.59
C ILE A 416 99.20 26.50 -16.09
N ASN A 417 99.19 26.89 -17.39
CA ASN A 417 98.12 27.67 -18.03
C ASN A 417 96.78 26.89 -18.16
N TYR A 418 96.82 25.56 -18.10
CA TYR A 418 95.63 24.71 -18.20
C TYR A 418 95.08 24.38 -16.83
N LYS A 419 95.84 24.69 -15.73
CA LYS A 419 95.45 24.36 -14.35
C LYS A 419 94.00 24.82 -14.08
N ASN A 420 93.70 26.06 -14.48
CA ASN A 420 92.44 26.79 -14.39
C ASN A 420 91.23 25.92 -14.77
N ASN A 421 91.34 25.14 -15.85
CA ASN A 421 90.26 24.28 -16.35
C ASN A 421 89.93 23.17 -15.37
N ILE A 422 90.94 22.64 -14.68
CA ILE A 422 90.75 21.57 -13.72
C ILE A 422 89.92 22.07 -12.55
N ASP A 423 90.19 23.32 -12.09
CA ASP A 423 89.48 23.97 -11.00
C ASP A 423 88.01 24.17 -11.41
N LYS A 424 87.76 24.67 -12.66
CA LYS A 424 86.41 24.88 -13.20
C LYS A 424 85.58 23.58 -13.09
N LEU A 425 86.19 22.44 -13.51
CA LEU A 425 85.56 21.13 -13.45
C LEU A 425 85.29 20.69 -12.00
N GLU A 426 86.19 21.02 -11.07
CA GLU A 426 86.02 20.63 -9.67
C GLU A 426 84.84 21.37 -9.06
N GLY A 427 84.58 22.55 -9.61
CA GLY A 427 83.49 23.41 -9.20
C GLY A 427 82.16 22.85 -9.63
N ASP A 428 82.06 22.47 -10.91
CA ASP A 428 80.85 21.89 -11.49
C ASP A 428 80.58 20.52 -10.93
N HIS A 429 81.64 19.79 -10.58
CA HIS A 429 81.54 18.49 -9.94
C HIS A 429 80.86 18.66 -8.57
N GLN A 430 81.25 19.70 -7.81
CA GLN A 430 80.67 19.98 -6.50
C GLN A 430 79.16 20.18 -6.61
N LEU A 431 78.70 21.03 -7.57
CA LEU A 431 77.29 21.31 -7.80
C LEU A 431 76.50 20.04 -8.04
N ILE A 432 77.04 19.14 -8.88
CA ILE A 432 76.44 17.85 -9.23
C ILE A 432 76.27 16.99 -7.96
N GLN A 433 77.30 16.90 -7.12
CA GLN A 433 77.24 16.08 -5.90
C GLN A 433 76.32 16.72 -4.84
N GLU A 434 76.27 18.07 -4.79
CA GLU A 434 75.39 18.80 -3.88
C GLU A 434 73.91 18.63 -4.32
N ALA A 435 73.69 18.44 -5.63
CA ALA A 435 72.37 18.23 -6.24
C ALA A 435 71.91 16.79 -6.10
N LEU A 436 72.74 15.91 -5.56
CA LEU A 436 72.48 14.47 -5.42
C LEU A 436 72.15 13.86 -6.82
N VAL A 437 73.10 14.05 -7.75
CA VAL A 437 73.13 13.50 -9.11
C VAL A 437 74.19 12.40 -9.06
N PHE A 438 73.77 11.14 -9.30
CA PHE A 438 74.69 10.01 -9.17
C PHE A 438 75.06 9.37 -10.51
N ASP A 439 74.53 9.93 -11.61
CA ASP A 439 74.71 9.40 -12.95
C ASP A 439 75.08 10.50 -13.95
N ASN A 440 75.77 10.12 -15.06
CA ASN A 440 76.10 11.07 -16.13
C ASN A 440 76.31 10.34 -17.44
N LYS A 441 75.24 10.24 -18.23
CA LYS A 441 75.27 9.51 -19.49
C LYS A 441 76.15 10.22 -20.54
N HIS A 442 76.39 11.53 -20.37
CA HIS A 442 77.09 12.38 -21.32
C HIS A 442 78.63 12.30 -21.30
N THR A 443 79.23 11.53 -20.38
CA THR A 443 80.68 11.37 -20.29
C THR A 443 81.04 10.04 -19.63
N ASN A 444 82.20 9.47 -20.02
CA ASN A 444 82.70 8.23 -19.43
C ASN A 444 83.77 8.58 -18.38
N TYR A 445 84.14 9.90 -18.29
CA TYR A 445 85.11 10.41 -17.31
C TYR A 445 84.45 10.78 -15.99
N THR A 446 85.04 10.29 -14.89
CA THR A 446 84.63 10.65 -13.55
C THR A 446 85.60 11.76 -13.15
N MET A 447 85.30 12.54 -12.09
CA MET A 447 86.20 13.59 -11.63
C MET A 447 87.49 12.96 -11.15
N GLU A 448 87.36 11.81 -10.48
CA GLU A 448 88.49 11.07 -9.97
C GLU A 448 89.49 10.72 -11.08
N HIS A 449 89.01 10.25 -12.28
CA HIS A 449 89.88 9.94 -13.43
C HIS A 449 90.73 11.12 -13.79
N ILE A 450 90.06 12.31 -13.92
CA ILE A 450 90.71 13.58 -14.20
C ILE A 450 91.72 13.93 -13.08
N ARG A 451 91.34 13.75 -11.80
CA ARG A 451 92.21 14.05 -10.65
C ARG A 451 93.48 13.18 -10.68
N VAL A 452 93.32 11.81 -10.74
CA VAL A 452 94.49 10.90 -10.77
C VAL A 452 95.31 11.21 -12.04
N GLY A 453 94.64 11.45 -13.16
CA GLY A 453 95.26 11.84 -14.43
C GLY A 453 96.11 13.09 -14.37
N TRP A 454 95.58 14.15 -13.74
CA TRP A 454 96.23 15.46 -13.56
C TRP A 454 97.43 15.33 -12.65
N GLU A 455 97.28 14.64 -11.48
CA GLU A 455 98.40 14.38 -10.55
C GLU A 455 99.51 13.72 -11.28
N LEU A 456 99.20 12.63 -12.01
CA LEU A 456 100.17 11.89 -12.80
C LEU A 456 100.92 12.83 -13.75
N LEU A 457 100.21 13.77 -14.39
CA LEU A 457 100.81 14.75 -15.30
C LEU A 457 101.79 15.64 -14.57
N LEU A 458 101.41 16.17 -13.39
CA LEU A 458 102.29 17.06 -12.62
C LEU A 458 103.52 16.32 -12.17
N THR A 459 103.34 15.08 -11.68
CA THR A 459 104.38 14.14 -11.26
C THR A 459 105.38 13.87 -12.36
N THR A 460 104.91 13.34 -13.51
CA THR A 460 105.86 12.95 -14.57
C THR A 460 106.54 14.21 -15.18
N ILE A 461 105.87 15.39 -15.30
CA ILE A 461 106.60 16.55 -15.84
C ILE A 461 107.77 16.91 -14.90
N ALA A 462 107.50 16.94 -13.57
CA ALA A 462 108.49 17.25 -12.54
C ALA A 462 109.67 16.29 -12.59
N ARG A 463 109.37 14.98 -12.65
CA ARG A 463 110.33 13.87 -12.69
C ARG A 463 111.19 13.92 -13.98
N THR A 464 110.55 13.99 -15.15
CA THR A 464 111.29 13.98 -16.41
C THR A 464 112.19 15.22 -16.54
N ILE A 465 111.76 16.40 -16.06
CA ILE A 465 112.61 17.61 -16.11
C ILE A 465 113.88 17.33 -15.28
N ASN A 466 113.69 16.79 -14.05
CA ASN A 466 114.77 16.47 -13.14
C ASN A 466 115.75 15.46 -13.75
N GLU A 467 115.24 14.38 -14.41
CA GLU A 467 116.09 13.41 -15.08
C GLU A 467 117.02 14.11 -16.09
N VAL A 468 116.47 15.01 -16.92
CA VAL A 468 117.25 15.75 -17.93
C VAL A 468 118.23 16.70 -17.24
N GLU A 469 117.81 17.35 -16.14
CA GLU A 469 118.61 18.31 -15.36
C GLU A 469 119.89 17.66 -14.81
N THR A 470 119.71 16.49 -14.13
CA THR A 470 120.80 15.71 -13.52
C THR A 470 121.69 15.13 -14.64
N GLN A 471 121.09 14.64 -15.75
CA GLN A 471 121.87 14.14 -16.90
C GLN A 471 122.79 15.24 -17.46
N ILE A 472 122.35 16.52 -17.41
CA ILE A 472 123.15 17.66 -17.86
C ILE A 472 124.30 17.92 -16.85
N LEU A 473 124.05 17.74 -15.52
CA LEU A 473 125.12 17.91 -14.52
C LEU A 473 126.21 16.84 -14.66
N THR A 474 125.80 15.59 -14.95
CA THR A 474 126.64 14.41 -15.17
C THR A 474 127.49 14.57 -16.46
N ARG A 475 126.93 15.22 -17.50
CA ARG A 475 127.55 15.42 -18.81
C ARG A 475 128.81 16.31 -18.77
N ASP A 476 128.65 17.65 -18.56
CA ASP A 476 129.71 18.67 -18.51
C ASP A 476 130.56 18.68 -19.80
N VAL B 9 -95.42 -34.30 -8.72
CA VAL B 9 -95.19 -34.43 -10.16
C VAL B 9 -95.71 -33.17 -10.86
N PHE B 10 -96.96 -32.75 -10.55
CA PHE B 10 -97.62 -31.55 -11.12
C PHE B 10 -97.33 -30.31 -10.27
N LYS B 11 -97.71 -30.31 -8.95
CA LYS B 11 -97.51 -29.18 -8.02
C LYS B 11 -96.78 -29.59 -6.69
N THR B 12 -96.61 -28.60 -5.78
CA THR B 12 -95.98 -28.67 -4.45
C THR B 12 -96.72 -27.71 -3.47
N TYR B 13 -96.87 -28.16 -2.21
CA TYR B 13 -97.57 -27.52 -1.08
C TYR B 13 -96.87 -26.21 -0.60
N ILE B 14 -97.69 -25.31 -0.02
CA ILE B 14 -97.30 -24.02 0.54
C ILE B 14 -97.93 -23.90 1.94
N SER B 15 -97.10 -23.80 2.99
CA SER B 15 -97.53 -23.75 4.40
C SER B 15 -97.95 -22.32 4.87
N PRO B 16 -98.61 -22.12 6.05
CA PRO B 16 -98.93 -20.75 6.53
C PRO B 16 -97.71 -19.79 6.59
N TRP B 17 -96.51 -20.30 7.01
CA TRP B 17 -95.25 -19.54 7.09
C TRP B 17 -94.78 -19.17 5.67
N GLU B 18 -94.85 -20.13 4.74
CA GLU B 18 -94.46 -20.00 3.34
C GLU B 18 -95.45 -19.10 2.57
N ARG B 19 -96.72 -18.98 3.05
CA ARG B 19 -97.76 -18.14 2.46
C ARG B 19 -97.55 -16.69 2.89
N ALA B 20 -97.08 -16.49 4.14
CA ALA B 20 -96.78 -15.17 4.74
C ALA B 20 -95.86 -14.32 3.85
N MET B 21 -94.89 -14.94 3.16
CA MET B 21 -94.00 -14.24 2.24
C MET B 21 -93.55 -15.18 1.10
N GLY B 22 -93.51 -14.64 -0.12
CA GLY B 22 -93.07 -15.38 -1.31
C GLY B 22 -93.94 -16.55 -1.73
N VAL B 23 -95.10 -16.25 -2.36
CA VAL B 23 -96.06 -17.23 -2.88
C VAL B 23 -95.74 -17.42 -4.41
N ASP B 24 -94.60 -18.09 -4.69
CA ASP B 24 -94.12 -18.36 -6.05
C ASP B 24 -93.85 -19.86 -6.26
N PRO B 25 -94.03 -20.42 -7.49
CA PRO B 25 -93.77 -21.87 -7.68
C PRO B 25 -92.31 -22.25 -7.42
N GLN B 26 -92.13 -23.33 -6.63
CA GLN B 26 -90.84 -23.91 -6.22
C GLN B 26 -90.19 -24.66 -7.39
N GLN B 27 -88.84 -24.64 -7.47
CA GLN B 27 -88.08 -25.23 -8.59
C GLN B 27 -86.83 -26.03 -8.15
N LYS B 28 -86.63 -27.21 -8.80
CA LYS B 28 -85.53 -28.18 -8.59
C LYS B 28 -85.43 -28.62 -7.12
N PRO B 45 -46.47 -20.89 -1.37
CA PRO B 45 -47.15 -20.32 -2.53
C PRO B 45 -47.57 -18.85 -2.31
N LYS B 46 -48.43 -18.57 -1.28
CA LYS B 46 -48.89 -17.21 -0.98
C LYS B 46 -47.75 -16.35 -0.38
N TYR B 47 -46.71 -16.99 0.25
CA TYR B 47 -45.65 -16.18 0.85
C TYR B 47 -44.25 -16.64 0.48
N LYS B 48 -43.35 -15.65 0.24
CA LYS B 48 -41.92 -15.81 -0.06
C LYS B 48 -41.19 -16.38 1.13
N SER B 49 -40.23 -17.29 0.92
CA SER B 49 -39.48 -17.85 2.06
C SER B 49 -38.24 -17.01 2.34
N PHE B 50 -37.99 -16.74 3.63
CA PHE B 50 -36.80 -15.99 4.07
C PHE B 50 -35.84 -16.90 4.82
N ASN B 51 -36.05 -18.22 4.72
CA ASN B 51 -35.20 -19.22 5.36
C ASN B 51 -33.86 -19.33 4.64
N ARG B 52 -32.79 -19.19 5.40
CA ARG B 52 -31.45 -19.30 4.84
C ARG B 52 -30.84 -20.61 5.31
N THR B 53 -29.74 -21.04 4.65
CA THR B 53 -29.00 -22.25 5.01
C THR B 53 -27.51 -21.97 4.93
N ALA B 54 -26.75 -22.63 5.84
CA ALA B 54 -25.31 -22.54 5.94
C ALA B 54 -24.70 -23.14 4.72
N MET B 55 -23.81 -22.37 4.09
CA MET B 55 -23.08 -22.75 2.89
C MET B 55 -22.10 -23.88 3.24
N PRO B 56 -22.23 -25.07 2.58
CA PRO B 56 -21.25 -26.15 2.83
C PRO B 56 -19.89 -25.75 2.34
N TYR B 57 -18.82 -26.16 3.03
CA TYR B 57 -17.46 -25.82 2.62
C TYR B 57 -17.23 -26.27 1.17
N GLY B 58 -16.88 -25.34 0.30
CA GLY B 58 -16.66 -25.64 -1.11
C GLY B 58 -17.91 -25.59 -1.97
N GLY B 59 -19.02 -25.08 -1.42
CA GLY B 59 -20.27 -24.91 -2.14
C GLY B 59 -21.21 -26.09 -2.12
N TYR B 60 -22.51 -25.81 -2.41
CA TYR B 60 -23.61 -26.79 -2.44
C TYR B 60 -23.43 -27.91 -3.48
N GLU B 61 -22.89 -27.58 -4.68
CA GLU B 61 -22.67 -28.53 -5.77
C GLU B 61 -21.62 -29.60 -5.39
N LYS B 62 -20.54 -29.20 -4.69
CA LYS B 62 -19.46 -30.08 -4.21
C LYS B 62 -20.01 -31.00 -3.13
N ALA B 63 -20.85 -30.45 -2.23
CA ALA B 63 -21.50 -31.16 -1.13
C ALA B 63 -22.51 -32.21 -1.63
N SER B 64 -23.21 -31.92 -2.75
CA SER B 64 -24.15 -32.84 -3.39
C SER B 64 -23.41 -34.08 -3.89
N LYS B 65 -22.30 -33.84 -4.62
CA LYS B 65 -21.42 -34.84 -5.20
C LYS B 65 -20.73 -35.70 -4.11
N ARG B 66 -20.38 -35.10 -2.94
CA ARG B 66 -19.75 -35.81 -1.80
C ARG B 66 -20.72 -36.79 -1.14
N MET B 67 -22.06 -36.55 -1.27
CA MET B 67 -23.12 -37.43 -0.74
C MET B 67 -23.26 -38.67 -1.63
N THR B 68 -23.40 -38.44 -2.97
CA THR B 68 -23.57 -39.49 -3.99
C THR B 68 -22.24 -39.83 -4.72
N PHE B 69 -21.65 -41.00 -4.35
CA PHE B 69 -20.42 -41.54 -4.94
C PHE B 69 -20.28 -43.03 -4.65
#